data_2JHK
#
_entry.id   2JHK
#
_cell.length_a   73.750
_cell.length_b   73.750
_cell.length_c   125.890
_cell.angle_alpha   90.00
_cell.angle_beta   90.00
_cell.angle_gamma   120.00
#
_symmetry.space_group_name_H-M   'H 3'
#
loop_
_entity.id
_entity.type
_entity.pdbx_description
1 polymer FICOLIN-1
2 non-polymer 'CALCIUM ION'
3 non-polymer 2-acetamido-2-deoxy-beta-D-glucopyranose
4 water water
#
_entity_poly.entity_id   1
_entity_poly.type   'polypeptide(L)'
_entity_poly.pdbx_seq_one_letter_code
;QSCATGPRNCKDLLDRGHFLSGWHTIYLPDCRPLTVLCDMDTDGGGWTVFQRRMDGSVDFYRDWAAYKQGFGSQLGEFWL
GNDNIHALTAQGSSELRTDLVDFEGNHQFAKYKSFKVADEAEKYKLVLGAFVGGSAGNSLTGHNNNFFSTKDQDNDVSSS
NCAEKFQGAWWYADCHASNLNGLYLMGPHESYANGINWSAAKGYKYSYKVSEMKVRPA
;
_entity_poly.pdbx_strand_id   F
#
loop_
_chem_comp.id
_chem_comp.type
_chem_comp.name
_chem_comp.formula
CA non-polymer 'CALCIUM ION' 'Ca 2'
NAG D-saccharide, beta linking 2-acetamido-2-deoxy-beta-D-glucopyranose 'C8 H15 N O6'
#
# COMPACT_ATOMS: atom_id res chain seq x y z
N SER A 2 -0.70 11.54 25.87
CA SER A 2 -1.30 10.24 26.30
C SER A 2 -2.16 9.62 25.19
N CYS A 3 -2.45 8.32 25.31
CA CYS A 3 -3.38 7.63 24.40
C CYS A 3 -4.75 8.32 24.36
N ALA A 4 -5.24 8.68 25.54
CA ALA A 4 -6.57 9.29 25.69
C ALA A 4 -6.71 10.63 24.93
N THR A 5 -5.63 11.39 24.86
CA THR A 5 -5.66 12.71 24.20
C THR A 5 -4.87 12.76 22.89
N GLY A 6 -4.18 11.67 22.56
CA GLY A 6 -3.30 11.62 21.38
C GLY A 6 -4.02 11.36 20.07
N PRO A 7 -3.32 11.59 18.95
CA PRO A 7 -3.93 11.37 17.63
C PRO A 7 -4.05 9.87 17.30
N ARG A 8 -5.06 9.53 16.52
N ARG A 8 -5.06 9.52 16.52
CA ARG A 8 -5.31 8.14 16.11
CA ARG A 8 -5.30 8.14 16.11
C ARG A 8 -4.72 7.89 14.72
C ARG A 8 -4.76 7.89 14.71
N ASN A 9 -4.49 8.97 13.99
CA ASN A 9 -4.06 8.91 12.59
C ASN A 9 -3.54 10.27 12.14
N CYS A 10 -3.18 10.36 10.86
CA CYS A 10 -2.57 11.58 10.30
C CYS A 10 -3.59 12.71 10.07
N LYS A 11 -4.87 12.35 9.92
CA LYS A 11 -5.92 13.37 9.78
C LYS A 11 -6.06 14.15 11.10
N ASP A 12 -6.02 13.44 12.21
CA ASP A 12 -6.04 14.06 13.54
C ASP A 12 -4.89 15.05 13.69
N LEU A 13 -3.70 14.64 13.25
CA LEU A 13 -2.53 15.53 13.31
C LEU A 13 -2.66 16.76 12.41
N LEU A 14 -3.20 16.57 11.20
CA LEU A 14 -3.46 17.70 10.31
C LEU A 14 -4.42 18.71 10.97
N ASP A 15 -5.47 18.19 11.59
CA ASP A 15 -6.47 19.00 12.30
C ASP A 15 -5.84 19.81 13.44
N ARG A 16 -4.78 19.27 14.03
CA ARG A 16 -4.04 19.93 15.12
C ARG A 16 -2.96 20.90 14.61
N GLY A 17 -2.87 21.10 13.31
CA GLY A 17 -1.96 22.06 12.71
C GLY A 17 -0.56 21.56 12.39
N HIS A 18 -0.44 20.26 12.12
CA HIS A 18 0.80 19.67 11.60
C HIS A 18 0.69 19.69 10.08
N PHE A 19 1.35 20.67 9.43
CA PHE A 19 1.12 20.93 8.00
C PHE A 19 2.16 20.35 7.05
N LEU A 20 3.32 19.94 7.58
CA LEU A 20 4.38 19.33 6.77
C LEU A 20 4.34 17.80 6.86
N SER A 21 4.56 17.16 5.72
CA SER A 21 4.67 15.69 5.68
C SER A 21 5.88 15.22 6.50
N GLY A 22 5.77 14.05 7.10
CA GLY A 22 6.86 13.50 7.90
C GLY A 22 6.36 12.48 8.90
N TRP A 23 7.29 11.95 9.70
CA TRP A 23 6.99 10.88 10.65
C TRP A 23 6.49 11.40 11.99
N HIS A 24 5.34 10.88 12.41
CA HIS A 24 4.68 11.28 13.66
C HIS A 24 4.20 10.07 14.45
N THR A 25 4.09 10.21 15.77
CA THR A 25 3.54 9.14 16.62
C THR A 25 2.02 9.23 16.71
N ILE A 26 1.36 8.09 16.48
N ILE A 26 1.36 8.09 16.47
CA ILE A 26 -0.08 7.97 16.67
CA ILE A 26 -0.08 7.97 16.65
C ILE A 26 -0.39 6.81 17.61
C ILE A 26 -0.39 6.82 17.63
N TYR A 27 -1.63 6.75 18.09
CA TYR A 27 -2.07 5.69 18.99
C TYR A 27 -3.11 4.81 18.32
N LEU A 28 -2.78 3.52 18.25
CA LEU A 28 -3.68 2.53 17.68
C LEU A 28 -4.85 2.26 18.66
N PRO A 29 -5.92 1.58 18.20
CA PRO A 29 -7.11 1.31 19.05
C PRO A 29 -6.83 0.73 20.44
N ASP A 30 -5.82 -0.13 20.57
CA ASP A 30 -5.48 -0.73 21.87
C ASP A 30 -4.44 0.09 22.64
N CYS A 31 -4.18 1.30 22.15
CA CYS A 31 -3.24 2.26 22.74
C CYS A 31 -1.75 1.99 22.44
N ARG A 32 -1.46 0.97 21.62
CA ARG A 32 -0.09 0.74 21.18
C ARG A 32 0.37 1.94 20.34
N PRO A 33 1.48 2.59 20.73
CA PRO A 33 1.98 3.70 19.93
C PRO A 33 2.71 3.21 18.68
N LEU A 34 2.54 3.93 17.58
CA LEU A 34 3.20 3.59 16.32
C LEU A 34 3.64 4.87 15.60
N THR A 35 4.87 4.87 15.10
CA THR A 35 5.37 5.99 14.29
C THR A 35 5.06 5.76 12.80
N VAL A 36 4.34 6.71 12.22
CA VAL A 36 3.84 6.57 10.84
C VAL A 36 4.21 7.79 9.98
N LEU A 37 4.26 7.60 8.66
CA LEU A 37 4.49 8.68 7.71
C LEU A 37 3.17 9.35 7.31
N CYS A 38 3.07 10.65 7.60
CA CYS A 38 1.92 11.46 7.20
C CYS A 38 2.19 12.21 5.91
N ASP A 39 1.30 12.07 4.93
CA ASP A 39 1.34 12.87 3.72
C ASP A 39 0.35 14.01 3.93
N MET A 40 0.87 15.19 4.21
CA MET A 40 0.04 16.36 4.52
C MET A 40 -0.17 17.25 3.30
N ASP A 41 0.36 16.84 2.15
CA ASP A 41 0.38 17.67 0.94
C ASP A 41 -0.57 17.22 -0.16
N THR A 42 -0.65 15.91 -0.39
CA THR A 42 -1.44 15.40 -1.52
C THR A 42 -2.92 15.47 -1.24
N ASP A 43 -3.66 16.05 -2.18
CA ASP A 43 -5.11 15.93 -2.24
C ASP A 43 -5.76 16.20 -0.87
N GLY A 44 -5.47 17.37 -0.30
CA GLY A 44 -6.03 17.77 0.99
C GLY A 44 -5.23 17.38 2.24
N GLY A 45 -4.30 16.45 2.08
CA GLY A 45 -3.46 16.01 3.20
C GLY A 45 -4.17 15.13 4.20
N GLY A 46 -3.44 14.77 5.26
CA GLY A 46 -3.99 13.91 6.33
C GLY A 46 -3.98 12.42 6.02
N TRP A 47 -3.17 12.01 5.04
CA TRP A 47 -3.05 10.58 4.68
C TRP A 47 -1.97 9.87 5.50
N THR A 48 -2.26 8.65 5.94
CA THR A 48 -1.27 7.81 6.59
C THR A 48 -0.70 6.85 5.54
N VAL A 49 0.60 6.94 5.28
CA VAL A 49 1.24 6.19 4.20
C VAL A 49 1.74 4.82 4.71
N PHE A 50 1.28 3.72 4.08
CA PHE A 50 1.70 2.39 4.51
C PHE A 50 2.61 1.65 3.53
N GLN A 51 2.80 2.20 2.33
CA GLN A 51 3.76 1.64 1.37
C GLN A 51 4.43 2.78 0.61
N ARG A 52 5.73 2.66 0.39
CA ARG A 52 6.46 3.63 -0.42
C ARG A 52 7.62 2.98 -1.18
N ARG A 53 7.65 3.18 -2.50
CA ARG A 53 8.79 2.76 -3.35
C ARG A 53 9.24 4.02 -4.09
N MET A 54 10.55 4.12 -4.38
N MET A 54 10.56 4.17 -4.30
CA MET A 54 11.08 5.29 -5.08
CA MET A 54 11.08 5.33 -5.03
C MET A 54 12.37 5.05 -5.87
C MET A 54 12.48 5.21 -5.64
N ASP A 55 13.16 4.08 -5.42
CA ASP A 55 14.51 3.87 -6.00
C ASP A 55 15.06 2.45 -6.10
N GLY A 56 14.33 1.47 -5.57
CA GLY A 56 14.78 0.08 -5.62
C GLY A 56 15.85 -0.30 -4.62
N SER A 57 16.12 0.59 -3.66
CA SER A 57 17.11 0.35 -2.61
C SER A 57 16.73 -0.77 -1.64
N VAL A 58 15.43 -1.04 -1.49
CA VAL A 58 14.94 -2.06 -0.56
C VAL A 58 14.35 -3.27 -1.29
N ASP A 59 14.73 -4.47 -0.85
CA ASP A 59 14.22 -5.73 -1.40
C ASP A 59 12.80 -5.99 -0.89
N PHE A 60 11.83 -6.07 -1.80
CA PHE A 60 10.43 -6.32 -1.43
C PHE A 60 9.98 -7.78 -1.60
N TYR A 61 10.88 -8.62 -2.09
CA TYR A 61 10.54 -10.04 -2.27
C TYR A 61 10.79 -10.79 -0.96
N ARG A 62 9.87 -10.59 -0.02
CA ARG A 62 10.05 -11.05 1.36
C ARG A 62 8.95 -12.01 1.84
N ASP A 63 9.21 -12.66 2.99
CA ASP A 63 8.32 -13.69 3.52
C ASP A 63 7.18 -13.15 4.38
N TRP A 64 6.32 -14.05 4.86
CA TRP A 64 5.13 -13.72 5.64
C TRP A 64 5.46 -12.89 6.88
N ALA A 65 6.50 -13.32 7.60
CA ALA A 65 6.89 -12.67 8.85
C ALA A 65 7.29 -11.21 8.63
N ALA A 66 8.06 -10.97 7.57
CA ALA A 66 8.50 -9.62 7.20
C ALA A 66 7.32 -8.72 6.87
N TYR A 67 6.41 -9.21 6.03
CA TYR A 67 5.23 -8.40 5.68
C TYR A 67 4.28 -8.21 6.87
N LYS A 68 4.25 -9.21 7.76
CA LYS A 68 3.46 -9.12 8.99
C LYS A 68 3.96 -7.99 9.93
N GLN A 69 5.28 -7.90 10.11
CA GLN A 69 5.85 -6.96 11.08
C GLN A 69 6.25 -5.61 10.47
N GLY A 70 6.45 -5.57 9.15
CA GLY A 70 6.93 -4.37 8.46
C GLY A 70 8.43 -4.40 8.24
N PHE A 71 8.89 -3.66 7.21
CA PHE A 71 10.32 -3.59 6.89
C PHE A 71 10.64 -2.35 6.06
N GLY A 72 11.93 -2.01 6.03
CA GLY A 72 12.39 -0.84 5.27
C GLY A 72 12.86 0.29 6.15
N SER A 73 12.84 1.51 5.61
CA SER A 73 13.42 2.68 6.28
C SER A 73 12.51 3.89 6.23
N GLN A 74 12.45 4.60 7.36
CA GLN A 74 11.75 5.89 7.43
C GLN A 74 12.35 6.91 6.46
N LEU A 75 13.61 6.73 6.10
N LEU A 75 13.62 6.71 6.11
CA LEU A 75 14.31 7.62 5.19
CA LEU A 75 14.36 7.59 5.21
C LEU A 75 13.97 7.37 3.73
C LEU A 75 14.20 7.23 3.73
N GLY A 76 13.42 6.18 3.44
CA GLY A 76 13.19 5.76 2.07
C GLY A 76 12.02 4.84 1.88
N GLU A 77 12.28 3.65 1.33
CA GLU A 77 11.22 2.70 0.97
C GLU A 77 10.84 1.83 2.17
N PHE A 78 9.54 1.53 2.29
CA PHE A 78 9.07 0.69 3.39
C PHE A 78 7.71 0.02 3.12
N TRP A 79 7.43 -1.02 3.89
CA TRP A 79 6.09 -1.58 4.06
C TRP A 79 5.79 -1.48 5.55
N LEU A 80 4.68 -0.83 5.92
CA LEU A 80 4.44 -0.50 7.35
C LEU A 80 4.19 -1.74 8.22
N GLY A 81 3.69 -2.81 7.60
CA GLY A 81 3.40 -4.05 8.31
C GLY A 81 1.92 -4.39 8.38
N ASN A 82 1.58 -5.66 8.15
CA ASN A 82 0.18 -6.09 8.05
C ASN A 82 -0.60 -5.98 9.36
N ASP A 83 0.04 -6.32 10.48
CA ASP A 83 -0.59 -6.11 11.79
C ASP A 83 -0.93 -4.62 11.99
N ASN A 84 0.02 -3.75 11.66
CA ASN A 84 -0.18 -2.29 11.72
C ASN A 84 -1.29 -1.79 10.80
N ILE A 85 -1.32 -2.27 9.56
CA ILE A 85 -2.32 -1.86 8.58
C ILE A 85 -3.72 -2.31 9.02
N HIS A 86 -3.82 -3.53 9.56
CA HIS A 86 -5.08 -4.01 10.15
C HIS A 86 -5.56 -3.06 11.26
N ALA A 87 -4.68 -2.77 12.22
CA ALA A 87 -5.02 -1.91 13.37
C ALA A 87 -5.51 -0.53 12.92
N LEU A 88 -4.85 0.01 11.90
CA LEU A 88 -5.16 1.33 11.37
C LEU A 88 -6.50 1.44 10.64
N THR A 89 -6.94 0.33 10.05
CA THR A 89 -8.12 0.33 9.20
C THR A 89 -9.33 -0.40 9.79
N ALA A 90 -9.17 -0.92 11.02
CA ALA A 90 -10.27 -1.63 11.69
C ALA A 90 -11.44 -0.70 12.06
N GLN A 91 -11.15 0.33 12.85
CA GLN A 91 -12.19 1.27 13.30
C GLN A 91 -12.58 2.27 12.23
N GLY A 92 -13.85 2.65 12.22
CA GLY A 92 -14.36 3.65 11.28
C GLY A 92 -14.33 3.19 9.83
N SER A 93 -14.14 4.16 8.93
CA SER A 93 -14.04 3.87 7.51
C SER A 93 -12.92 4.71 6.88
N SER A 94 -11.92 4.04 6.31
CA SER A 94 -10.78 4.73 5.68
C SER A 94 -10.80 4.62 4.17
N GLU A 95 -10.64 5.76 3.50
N GLU A 95 -10.63 5.76 3.49
CA GLU A 95 -10.46 5.79 2.04
CA GLU A 95 -10.48 5.77 2.04
C GLU A 95 -9.03 5.36 1.70
C GLU A 95 -9.03 5.46 1.66
N LEU A 96 -8.83 4.88 0.48
CA LEU A 96 -7.51 4.52 -0.02
C LEU A 96 -7.12 5.35 -1.22
N ARG A 97 -5.87 5.86 -1.21
CA ARG A 97 -5.32 6.54 -2.38
C ARG A 97 -4.02 5.85 -2.76
N THR A 98 -3.85 5.60 -4.06
CA THR A 98 -2.61 5.08 -4.64
C THR A 98 -1.99 6.15 -5.55
N ASP A 99 -0.75 6.53 -5.25
CA ASP A 99 -0.01 7.54 -6.04
C ASP A 99 1.16 6.90 -6.79
N LEU A 100 1.26 7.21 -8.08
CA LEU A 100 2.26 6.62 -8.98
C LEU A 100 2.98 7.68 -9.79
N VAL A 101 4.28 7.46 -10.03
CA VAL A 101 5.08 8.31 -10.95
C VAL A 101 5.92 7.42 -11.88
N ASP A 102 5.85 7.69 -13.19
CA ASP A 102 6.65 6.94 -14.16
C ASP A 102 8.03 7.58 -14.35
N PHE A 103 8.89 6.96 -15.16
CA PHE A 103 10.24 7.47 -15.37
C PHE A 103 10.32 8.66 -16.33
N GLU A 104 9.16 9.04 -16.86
CA GLU A 104 9.04 10.18 -17.77
C GLU A 104 8.45 11.38 -17.03
N GLY A 105 8.26 11.23 -15.72
CA GLY A 105 7.82 12.32 -14.85
C GLY A 105 6.33 12.53 -14.70
N ASN A 106 5.54 11.62 -15.24
CA ASN A 106 4.08 11.72 -15.19
C ASN A 106 3.50 11.16 -13.89
N HIS A 107 2.69 11.97 -13.20
N HIS A 107 2.70 11.96 -13.19
CA HIS A 107 1.99 11.57 -11.99
CA HIS A 107 2.03 11.51 -11.97
C HIS A 107 0.62 10.98 -12.31
C HIS A 107 0.62 11.00 -12.26
N GLN A 108 0.30 9.85 -11.70
CA GLN A 108 -1.01 9.22 -11.86
C GLN A 108 -1.53 8.74 -10.50
N PHE A 109 -2.85 8.63 -10.36
CA PHE A 109 -3.43 8.21 -9.08
C PHE A 109 -4.72 7.40 -9.25
N ALA A 110 -5.08 6.66 -8.20
CA ALA A 110 -6.35 5.95 -8.09
C ALA A 110 -6.88 6.10 -6.66
N LYS A 111 -8.20 6.25 -6.53
N LYS A 111 -8.19 6.26 -6.54
CA LYS A 111 -8.84 6.43 -5.23
CA LYS A 111 -8.86 6.40 -5.26
C LYS A 111 -10.04 5.50 -5.04
C LYS A 111 -9.94 5.34 -5.10
N TYR A 112 -10.13 4.91 -3.85
CA TYR A 112 -11.21 3.97 -3.48
C TYR A 112 -11.95 4.48 -2.23
N LYS A 113 -13.26 4.29 -2.18
N LYS A 113 -13.26 4.27 -2.20
CA LYS A 113 -14.06 4.93 -1.13
CA LYS A 113 -14.15 4.82 -1.17
C LYS A 113 -13.90 4.33 0.28
C LYS A 113 -13.83 4.34 0.25
N SER A 114 -13.46 3.07 0.35
CA SER A 114 -13.11 2.45 1.63
C SER A 114 -12.07 1.35 1.45
N PHE A 115 -11.34 1.06 2.51
CA PHE A 115 -10.24 0.11 2.49
C PHE A 115 -9.99 -0.40 3.89
N LYS A 116 -9.88 -1.72 3.99
CA LYS A 116 -9.66 -2.39 5.25
C LYS A 116 -8.92 -3.70 4.96
N VAL A 117 -8.01 -4.06 5.85
CA VAL A 117 -7.47 -5.42 5.84
C VAL A 117 -7.85 -6.11 7.14
N ALA A 118 -8.24 -7.38 7.02
CA ALA A 118 -8.65 -8.19 8.16
C ALA A 118 -7.44 -8.58 9.02
N ASP A 119 -7.69 -9.27 10.13
CA ASP A 119 -6.59 -9.71 11.00
C ASP A 119 -5.86 -10.92 10.42
N GLU A 120 -4.83 -11.39 11.12
CA GLU A 120 -4.00 -12.48 10.61
C GLU A 120 -4.77 -13.80 10.52
N ALA A 121 -5.76 -14.00 11.38
CA ALA A 121 -6.62 -15.19 11.33
C ALA A 121 -7.36 -15.29 9.99
N GLU A 122 -7.71 -14.15 9.41
CA GLU A 122 -8.31 -14.12 8.08
C GLU A 122 -7.29 -13.68 7.01
N LYS A 123 -6.02 -13.98 7.29
CA LYS A 123 -4.91 -13.79 6.35
C LYS A 123 -4.81 -12.38 5.76
N TYR A 124 -5.15 -11.37 6.58
CA TYR A 124 -5.09 -9.95 6.16
C TYR A 124 -5.89 -9.71 4.86
N LYS A 125 -7.06 -10.34 4.77
CA LYS A 125 -7.93 -10.25 3.62
C LYS A 125 -8.27 -8.80 3.26
N LEU A 126 -8.26 -8.51 1.96
CA LEU A 126 -8.64 -7.19 1.46
C LEU A 126 -10.15 -7.00 1.45
N VAL A 127 -10.60 -5.88 2.01
CA VAL A 127 -12.01 -5.48 1.96
C VAL A 127 -12.05 -4.08 1.36
N LEU A 128 -12.36 -4.02 0.06
CA LEU A 128 -12.24 -2.79 -0.71
C LEU A 128 -13.59 -2.23 -1.14
N GLY A 129 -13.76 -0.92 -0.93
CA GLY A 129 -14.97 -0.22 -1.37
C GLY A 129 -14.88 0.26 -2.81
N ALA A 130 -15.89 1.03 -3.23
CA ALA A 130 -16.04 1.48 -4.60
C ALA A 130 -14.86 2.29 -5.15
N PHE A 131 -14.47 2.02 -6.39
CA PHE A 131 -13.52 2.84 -7.13
C PHE A 131 -14.13 4.23 -7.35
N VAL A 132 -13.38 5.27 -7.00
CA VAL A 132 -13.81 6.67 -7.17
C VAL A 132 -13.34 7.24 -8.52
N GLY A 133 -12.09 6.94 -8.89
CA GLY A 133 -11.54 7.47 -10.12
C GLY A 133 -10.06 7.76 -10.01
N GLY A 134 -9.55 8.47 -11.01
CA GLY A 134 -8.13 8.78 -11.09
C GLY A 134 -7.52 8.42 -12.42
N SER A 135 -6.44 9.11 -12.76
CA SER A 135 -5.70 8.95 -14.01
C SER A 135 -5.04 7.57 -14.17
N ALA A 136 -4.83 6.85 -13.06
CA ALA A 136 -4.21 5.52 -13.12
C ALA A 136 -5.20 4.42 -13.51
N GLY A 137 -6.49 4.72 -13.40
CA GLY A 137 -7.52 3.71 -13.64
C GLY A 137 -7.58 2.70 -12.52
N ASN A 138 -8.38 1.64 -12.72
CA ASN A 138 -8.71 0.71 -11.64
C ASN A 138 -8.03 -0.65 -11.80
N SER A 139 -7.02 -0.91 -10.96
CA SER A 139 -6.34 -2.20 -10.97
C SER A 139 -6.36 -2.91 -9.62
N LEU A 140 -7.26 -2.48 -8.73
CA LEU A 140 -7.38 -3.10 -7.41
C LEU A 140 -8.70 -3.83 -7.13
N THR A 141 -9.79 -3.43 -7.80
CA THR A 141 -11.10 -4.05 -7.54
C THR A 141 -11.07 -5.57 -7.78
N GLY A 142 -10.30 -6.00 -8.78
CA GLY A 142 -10.11 -7.42 -9.08
C GLY A 142 -9.48 -8.23 -7.94
N HIS A 143 -8.90 -7.51 -6.98
CA HIS A 143 -8.27 -8.12 -5.81
C HIS A 143 -9.16 -8.17 -4.57
N ASN A 144 -10.32 -7.52 -4.63
CA ASN A 144 -11.22 -7.50 -3.48
C ASN A 144 -11.54 -8.90 -2.98
N ASN A 145 -11.57 -9.04 -1.66
CA ASN A 145 -11.92 -10.30 -0.98
C ASN A 145 -10.90 -11.42 -1.12
N ASN A 146 -9.68 -11.07 -1.52
CA ASN A 146 -8.58 -12.02 -1.54
C ASN A 146 -7.68 -11.91 -0.31
N PHE A 147 -7.19 -13.06 0.15
CA PHE A 147 -6.22 -13.11 1.23
C PHE A 147 -4.90 -12.51 0.75
N PHE A 148 -4.05 -12.07 1.68
CA PHE A 148 -2.69 -11.66 1.35
C PHE A 148 -1.85 -12.92 1.20
N SER A 149 -0.89 -12.87 0.28
CA SER A 149 0.02 -13.98 0.02
C SER A 149 1.46 -13.51 -0.09
N THR A 150 2.37 -14.36 0.37
CA THR A 150 3.81 -14.16 0.19
C THR A 150 4.37 -15.44 -0.43
N LYS A 151 5.64 -15.39 -0.86
CA LYS A 151 6.29 -16.54 -1.49
C LYS A 151 6.17 -17.82 -0.64
N ASP A 152 6.23 -17.67 0.69
CA ASP A 152 6.17 -18.83 1.60
C ASP A 152 4.78 -19.14 2.16
N GLN A 153 3.80 -18.32 1.82
CA GLN A 153 2.42 -18.60 2.24
C GLN A 153 1.43 -18.27 1.14
N ASP A 154 1.00 -19.32 0.44
CA ASP A 154 0.14 -19.20 -0.74
C ASP A 154 -1.33 -19.24 -0.31
N ASN A 155 -1.96 -18.07 -0.34
CA ASN A 155 -3.38 -17.94 -0.03
C ASN A 155 -4.22 -17.43 -1.20
N ASP A 156 -3.65 -17.44 -2.41
CA ASP A 156 -4.34 -16.91 -3.59
C ASP A 156 -5.42 -17.89 -4.13
N VAL A 157 -6.08 -17.50 -5.22
CA VAL A 157 -7.11 -18.36 -5.82
C VAL A 157 -6.62 -18.95 -7.16
N SER A 158 -5.33 -19.26 -7.21
CA SER A 158 -4.68 -19.85 -8.37
C SER A 158 -4.14 -21.24 -8.01
N SER A 159 -4.10 -22.13 -9.00
CA SER A 159 -3.39 -23.41 -8.84
C SER A 159 -1.87 -23.20 -8.75
N SER A 160 -1.42 -22.04 -9.24
CA SER A 160 -0.01 -21.65 -9.15
C SER A 160 0.28 -20.88 -7.85
N ASN A 161 1.56 -20.57 -7.63
CA ASN A 161 2.00 -19.70 -6.53
C ASN A 161 2.26 -18.29 -7.10
N CYS A 162 1.25 -17.42 -7.04
CA CYS A 162 1.34 -16.10 -7.66
C CYS A 162 2.50 -15.25 -7.14
N ALA A 163 2.72 -15.26 -5.83
CA ALA A 163 3.80 -14.47 -5.23
C ALA A 163 5.17 -14.87 -5.78
N GLU A 164 5.35 -16.17 -6.02
N GLU A 164 5.35 -16.17 -6.02
CA GLU A 164 6.56 -16.69 -6.65
CA GLU A 164 6.57 -16.67 -6.65
C GLU A 164 6.61 -16.33 -8.13
C GLU A 164 6.61 -16.35 -8.14
N LYS A 165 5.47 -16.46 -8.82
CA LYS A 165 5.38 -16.20 -10.29
C LYS A 165 6.09 -14.93 -10.79
N PHE A 166 6.10 -13.80 -10.07
CA PHE A 166 5.37 -12.53 -10.26
C PHE A 166 6.14 -11.69 -9.24
N GLN A 167 6.84 -12.41 -8.36
N GLN A 167 6.88 -12.40 -8.38
CA GLN A 167 7.94 -11.90 -7.55
CA GLN A 167 7.98 -11.85 -7.57
C GLN A 167 7.59 -10.69 -6.68
C GLN A 167 7.59 -10.67 -6.69
N GLY A 168 6.52 -10.84 -5.92
CA GLY A 168 6.04 -9.81 -5.00
C GLY A 168 5.28 -10.38 -3.81
N ALA A 169 4.41 -9.56 -3.24
CA ALA A 169 3.56 -9.93 -2.10
C ALA A 169 2.32 -9.07 -2.22
N TRP A 170 1.13 -9.67 -2.15
CA TRP A 170 -0.09 -8.96 -2.53
C TRP A 170 -1.33 -9.80 -2.20
N TRP A 171 -2.50 -9.18 -2.37
CA TRP A 171 -3.76 -9.91 -2.27
C TRP A 171 -4.04 -10.56 -3.63
N TYR A 172 -3.14 -11.47 -4.02
CA TYR A 172 -3.20 -12.10 -5.35
C TYR A 172 -4.45 -12.93 -5.54
N ALA A 173 -4.99 -12.89 -6.75
CA ALA A 173 -6.14 -13.70 -7.13
C ALA A 173 -5.64 -14.82 -8.03
N ASP A 174 -5.75 -14.66 -9.35
CA ASP A 174 -5.11 -15.59 -10.31
C ASP A 174 -4.70 -14.89 -11.61
N CYS A 175 -3.68 -14.02 -11.59
CA CYS A 175 -2.94 -13.66 -10.38
C CYS A 175 -3.10 -12.20 -9.98
N HIS A 176 -2.92 -11.28 -10.93
CA HIS A 176 -3.02 -9.85 -10.59
C HIS A 176 -3.34 -8.89 -11.71
N ALA A 177 -3.86 -7.73 -11.31
CA ALA A 177 -3.99 -6.54 -12.16
C ALA A 177 -2.99 -5.48 -11.66
N SER A 178 -2.63 -5.59 -10.38
CA SER A 178 -1.63 -4.69 -9.78
C SER A 178 -0.62 -5.49 -8.95
N ASN A 179 0.60 -4.99 -8.86
CA ASN A 179 1.71 -5.73 -8.26
C ASN A 179 2.72 -4.74 -7.67
N LEU A 180 2.26 -3.85 -6.79
CA LEU A 180 3.09 -2.71 -6.37
C LEU A 180 4.26 -3.07 -5.45
N ASN A 181 4.24 -4.29 -4.92
CA ASN A 181 5.37 -4.83 -4.14
C ASN A 181 6.26 -5.75 -4.97
N GLY A 182 6.18 -5.62 -6.29
CA GLY A 182 6.96 -6.43 -7.22
C GLY A 182 8.37 -5.91 -7.39
N LEU A 183 9.09 -6.44 -8.37
CA LEU A 183 10.50 -6.05 -8.58
C LEU A 183 10.67 -4.62 -9.10
N TYR A 184 11.70 -3.93 -8.62
CA TYR A 184 11.97 -2.57 -9.08
C TYR A 184 12.70 -2.61 -10.43
N LEU A 185 11.93 -2.74 -11.52
CA LEU A 185 12.51 -3.05 -12.83
C LEU A 185 12.91 -1.86 -13.72
N MET A 186 12.57 -0.65 -13.26
N MET A 186 12.65 -0.65 -13.23
CA MET A 186 13.02 0.60 -13.87
CA MET A 186 13.03 0.58 -13.93
C MET A 186 12.47 0.91 -15.28
C MET A 186 12.43 0.68 -15.33
N GLY A 187 11.14 1.00 -15.38
CA GLY A 187 10.46 1.28 -16.65
C GLY A 187 10.11 0.04 -17.46
N PRO A 188 10.33 0.10 -18.79
CA PRO A 188 10.00 -1.06 -19.63
C PRO A 188 10.80 -2.30 -19.23
N HIS A 189 10.13 -3.45 -19.19
CA HIS A 189 10.81 -4.72 -18.96
C HIS A 189 10.26 -5.83 -19.86
N GLU A 190 11.13 -6.79 -20.18
CA GLU A 190 10.76 -7.90 -21.06
C GLU A 190 10.02 -9.01 -20.33
N SER A 191 10.37 -9.21 -19.06
CA SER A 191 9.68 -10.19 -18.22
C SER A 191 8.23 -9.76 -18.02
N TYR A 192 7.33 -10.73 -17.94
CA TYR A 192 5.90 -10.43 -17.84
C TYR A 192 5.40 -10.25 -16.40
N ALA A 193 4.82 -9.09 -16.15
CA ALA A 193 3.97 -8.85 -14.97
C ALA A 193 4.64 -9.01 -13.59
N ASN A 194 5.98 -8.96 -13.57
CA ASN A 194 6.73 -9.16 -12.32
C ASN A 194 7.37 -7.88 -11.78
N GLY A 195 6.96 -6.74 -12.31
CA GLY A 195 7.47 -5.44 -11.86
C GLY A 195 6.46 -4.70 -10.99
N ILE A 196 6.76 -3.44 -10.70
CA ILE A 196 5.82 -2.57 -9.99
C ILE A 196 4.79 -2.12 -11.03
N ASN A 197 3.78 -2.96 -11.23
CA ASN A 197 2.83 -2.82 -12.32
C ASN A 197 1.44 -2.40 -11.85
N TRP A 198 0.85 -1.47 -12.60
CA TRP A 198 -0.54 -1.08 -12.44
C TRP A 198 -1.11 -1.18 -13.84
N SER A 199 -1.67 -2.34 -14.16
CA SER A 199 -1.99 -2.70 -15.56
C SER A 199 -3.00 -1.79 -16.26
N ALA A 200 -3.91 -1.18 -15.50
CA ALA A 200 -4.92 -0.25 -16.08
C ALA A 200 -4.29 1.02 -16.67
N ALA A 201 -3.08 1.35 -16.25
CA ALA A 201 -2.40 2.55 -16.74
C ALA A 201 -1.25 2.26 -17.71
N LYS A 202 -0.17 1.64 -17.23
CA LYS A 202 1.02 1.38 -18.05
C LYS A 202 1.22 -0.10 -18.43
N GLY A 203 0.28 -0.95 -18.03
CA GLY A 203 0.28 -2.35 -18.47
C GLY A 203 1.13 -3.27 -17.61
N TYR A 204 1.40 -4.46 -18.14
CA TYR A 204 2.12 -5.50 -17.40
C TYR A 204 3.62 -5.52 -17.65
N LYS A 205 4.11 -4.61 -18.49
CA LYS A 205 5.52 -4.63 -18.88
C LYS A 205 6.23 -3.29 -18.66
N TYR A 206 5.70 -2.51 -17.72
CA TYR A 206 6.29 -1.25 -17.31
C TYR A 206 6.24 -1.11 -15.79
N SER A 207 7.41 -0.90 -15.18
CA SER A 207 7.58 -0.78 -13.72
C SER A 207 7.76 0.68 -13.29
N TYR A 208 6.87 1.16 -12.42
CA TYR A 208 6.87 2.57 -12.00
C TYR A 208 8.09 2.99 -11.18
N LYS A 209 8.41 4.28 -11.24
CA LYS A 209 9.52 4.87 -10.49
C LYS A 209 9.15 5.04 -9.01
N VAL A 210 7.93 5.55 -8.79
CA VAL A 210 7.43 5.80 -7.43
C VAL A 210 6.05 5.16 -7.27
N SER A 211 5.85 4.54 -6.11
N SER A 211 5.85 4.51 -6.13
CA SER A 211 4.56 4.01 -5.69
CA SER A 211 4.51 4.08 -5.73
C SER A 211 4.33 4.41 -4.24
C SER A 211 4.32 4.41 -4.25
N GLU A 212 3.12 4.87 -3.92
CA GLU A 212 2.73 5.14 -2.52
C GLU A 212 1.29 4.71 -2.30
N MET A 213 1.04 4.05 -1.17
CA MET A 213 -0.31 3.62 -0.78
C MET A 213 -0.63 4.24 0.58
N LYS A 214 -1.81 4.84 0.71
CA LYS A 214 -2.12 5.68 1.87
C LYS A 214 -3.61 5.76 2.18
N VAL A 215 -3.94 5.99 3.46
CA VAL A 215 -5.33 5.97 3.95
C VAL A 215 -5.70 7.21 4.77
N ARG A 216 -6.99 7.54 4.77
CA ARG A 216 -7.53 8.70 5.50
C ARG A 216 -8.99 8.41 5.87
N PRO A 217 -9.46 8.85 7.06
CA PRO A 217 -10.87 8.66 7.39
C PRO A 217 -11.80 9.22 6.30
N ALA A 218 -12.79 8.44 5.89
CA ALA A 218 -13.72 8.83 4.85
C ALA A 218 -14.84 9.71 5.38
CA CA B . -2.13 -20.85 -5.20
C1 NAG C . -5.23 -11.65 -15.12
C2 NAG C . -4.00 -12.54 -15.29
C3 NAG C . -4.22 -13.47 -16.48
C4 NAG C . -5.49 -14.30 -16.25
C5 NAG C . -6.68 -13.40 -15.87
C6 NAG C . -7.87 -14.23 -15.40
C7 NAG C . -1.84 -11.88 -14.47
C8 NAG C . -0.52 -11.21 -14.72
N2 NAG C . -2.76 -11.79 -15.43
O1 NAG C . -5.05 -10.76 -14.04
O3 NAG C . -3.10 -14.32 -16.66
O4 NAG C . -5.79 -15.01 -17.43
O5 NAG C . -6.33 -12.48 -14.83
O6 NAG C . -8.81 -13.42 -14.73
O7 NAG C . -2.02 -12.50 -13.42
#